data_5MSO
#
_entry.id   5MSO
#
_cell.length_a   62.242
_cell.length_b   136.156
_cell.length_c   115.488
_cell.angle_alpha   90.00
_cell.angle_beta   90.00
_cell.angle_gamma   90.00
#
_symmetry.space_group_name_H-M   'C 2 2 21'
#
loop_
_entity.id
_entity.type
_entity.pdbx_description
1 polymer 'Carboxylic acid reductase'
2 non-polymer 'NADP NICOTINAMIDE-ADENINE-DINUCLEOTIDE PHOSPHATE'
3 water water
#
_entity_poly.entity_id   1
_entity_poly.type   'polypeptide(L)'
_entity_poly.pdbx_seq_one_letter_code
;MSPITREERLERRIQDLYANDPQFAAAKPATAITAAIERPGLPLPQIIETVMTGYADRPALAQRSVEFVTDAGTGHTTLR
LLPHFETISYGELWDRISALADVLSTEQTVKPGDRVCLLGFNSVDYATIDMTLARLGAVAVPLQTSAAITQLQPIVAETQ
PTMIAASVDALADATELALSGQTATRVLVFDHHRQVDAHRAAVESARERLAGSAVVETLAEAIARGDVPRGASAGSAPGT
DVSDDSLALLIYTSGSTGAPKGAMYPRRNVATFWRKRTWFEGGYEPSITLNFMPMSHVMGRQILYGTLCNGGTAYFVAKS
DLSTLFEDLALVRPTELTFVPRVWDMVFDEFQSEVDRRLVDGADRVALEAQVKAEIRNDVLGGRYTSALTGSAPISDEMK
AWVEELLDMHLVEGYGSTEAGMILIDGAIRRPAVLDYKLVDVPDLGYFLTDRPHPRGELLVKTDSLFPGYYQRAEVTADV
FDADGFYRTGDIMAEVGPEQFVYLDRRNNVLKLSQGEFVTVSKLEAVFGDSPLVRQIYIYGNSARAYLLAVIVPTQEALD
AVPVEELKARLGDSLQEVAKAAGLQSYEIPRDFIIETTPWTLENGLLTGIRKLARPQLKKHYGELLEQIYTDLAHGQADE
LRSLRQSGADAPVLVTVCRAAAALLGGSASDVQPDAHFTDLGGDSLSALSFTNLLHEIFDIEVPVGVIVSPANDLQALAD
YVEAARKPGSSRPTFASVHGASNGQVTEVHAGDLSLDKFIDAATLAEAPRLPAANTQVRTVLLTGATGFLGRYLALEWLE
RMDLVDGKLICLVRAKSDTEARARLDKTFDSGDPELLAHYRALAGDHLEVLAGDKGEADLGLDRQTWQRLADTVDLIVDP
AALVNHVLPYSQLFGPNALGTAELLRLALTSKIKPYSYTSTIGVADQIPPSAFTEDADIRVISATRAVDDSYANGYSNSK
WAGEVLLREAHDLCGLPVAVFRCDMILADTTWAGQLNVPDMFTRMILSLAATGIAPGSFYELAADGARQRAHYDGLPVEF
IAEAISTLGAQSQDGFHTYHVMNPYDDGIGLDEFVDWLNESGCPIQRIADYGDWLQRFETALRALPDRQRHSSLLPLLHN
YRQPERPVRGSIAPTDRFRAAVQEAKIGPDKDIPHVGAPIIVKYVSDLRLLGLL
;
_entity_poly.pdbx_strand_id   A
#
loop_
_chem_comp.id
_chem_comp.type
_chem_comp.name
_chem_comp.formula
NAP non-polymer 'NADP NICOTINAMIDE-ADENINE-DINUCLEOTIDE PHOSPHATE' 'C21 H28 N7 O17 P3'
#
# COMPACT_ATOMS: atom_id res chain seq x y z
N ARG A 732 20.45 -11.62 -15.01
CA ARG A 732 19.61 -10.65 -14.32
C ARG A 732 20.31 -9.96 -13.17
N PRO A 733 19.94 -8.73 -12.87
CA PRO A 733 20.47 -8.02 -11.71
C PRO A 733 19.95 -8.68 -10.45
N THR A 734 20.76 -8.76 -9.40
CA THR A 734 20.33 -9.34 -8.12
C THR A 734 20.77 -8.50 -6.92
N PHE A 735 20.29 -8.81 -5.74
CA PHE A 735 20.67 -8.11 -4.53
C PHE A 735 22.18 -8.24 -4.36
N ALA A 736 22.72 -9.43 -4.59
CA ALA A 736 24.15 -9.67 -4.46
C ALA A 736 24.95 -8.91 -5.46
N SER A 737 24.50 -8.88 -6.69
CA SER A 737 25.20 -8.14 -7.69
C SER A 737 25.17 -6.64 -7.50
N VAL A 738 24.00 -6.10 -7.17
CA VAL A 738 23.86 -4.68 -6.98
C VAL A 738 24.48 -4.11 -5.70
N HIS A 739 24.24 -4.77 -4.59
CA HIS A 739 24.67 -4.31 -3.28
C HIS A 739 25.83 -5.07 -2.63
N GLY A 740 26.17 -6.23 -3.19
CA GLY A 740 27.21 -7.02 -2.57
C GLY A 740 28.53 -7.10 -3.32
N ALA A 741 28.75 -6.27 -4.29
CA ALA A 741 29.99 -6.36 -5.06
C ALA A 741 31.28 -6.33 -4.21
N GLY A 744 32.04 -12.28 3.48
CA GLY A 744 31.31 -11.21 4.13
C GLY A 744 29.90 -11.09 3.64
N GLN A 745 29.07 -10.44 4.41
CA GLN A 745 27.69 -10.26 4.05
C GLN A 745 27.41 -8.80 4.01
N VAL A 746 26.36 -8.42 3.30
CA VAL A 746 25.98 -7.04 3.17
C VAL A 746 25.34 -6.57 4.48
N THR A 747 25.93 -5.56 5.08
CA THR A 747 25.43 -5.01 6.31
C THR A 747 24.83 -3.62 6.11
N GLU A 748 25.15 -3.03 4.98
CA GLU A 748 24.64 -1.72 4.59
C GLU A 748 24.47 -1.61 3.10
N VAL A 749 23.56 -0.73 2.67
CA VAL A 749 23.31 -0.47 1.28
C VAL A 749 23.34 1.04 1.03
N HIS A 750 23.67 1.43 -0.17
CA HIS A 750 23.81 2.81 -0.59
C HIS A 750 22.97 3.17 -1.78
N ALA A 751 22.36 4.35 -1.76
CA ALA A 751 21.51 4.78 -2.85
C ALA A 751 22.27 4.83 -4.15
N GLY A 752 23.54 5.18 -4.06
CA GLY A 752 24.40 5.30 -5.19
C GLY A 752 24.59 4.02 -5.99
N ASP A 753 24.44 2.90 -5.33
CA ASP A 753 24.56 1.61 -6.00
C ASP A 753 23.37 1.27 -6.90
N LEU A 754 22.24 1.93 -6.68
CA LEU A 754 21.06 1.70 -7.49
C LEU A 754 21.03 2.58 -8.75
N SER A 755 22.04 2.43 -9.59
CA SER A 755 22.12 3.15 -10.83
C SER A 755 21.44 2.36 -11.96
N LEU A 756 20.81 3.08 -12.86
CA LEU A 756 20.02 2.45 -13.94
C LEU A 756 20.81 1.59 -14.91
N ASP A 757 22.09 1.87 -15.02
CA ASP A 757 22.98 1.12 -15.91
C ASP A 757 23.05 -0.34 -15.50
N LYS A 758 22.74 -0.64 -14.26
CA LYS A 758 22.75 -2.02 -13.79
C LYS A 758 21.49 -2.79 -14.18
N PHE A 759 20.47 -2.06 -14.56
CA PHE A 759 19.18 -2.66 -14.87
C PHE A 759 18.68 -2.49 -16.28
N ILE A 760 19.18 -1.49 -16.98
CA ILE A 760 18.70 -1.10 -18.28
C ILE A 760 19.86 -0.95 -19.27
N ASP A 761 19.63 -1.41 -20.50
CA ASP A 761 20.64 -1.36 -21.56
C ASP A 761 20.98 0.08 -21.97
N ALA A 762 22.18 0.26 -22.48
CA ALA A 762 22.67 1.56 -22.86
C ALA A 762 21.87 2.21 -23.95
N ALA A 763 21.41 1.45 -24.93
CA ALA A 763 20.65 2.03 -25.98
C ALA A 763 19.39 2.70 -25.43
N THR A 764 18.70 2.01 -24.53
CA THR A 764 17.49 2.55 -23.96
C THR A 764 17.80 3.83 -23.15
N LEU A 765 18.84 3.78 -22.36
CA LEU A 765 19.23 4.92 -21.54
C LEU A 765 19.63 6.14 -22.36
N ALA A 766 20.35 5.91 -23.45
CA ALA A 766 20.77 6.99 -24.34
C ALA A 766 19.60 7.63 -25.05
N GLU A 767 18.64 6.83 -25.46
CA GLU A 767 17.49 7.29 -26.15
C GLU A 767 16.40 7.95 -25.29
N ALA A 768 16.32 7.58 -24.02
CA ALA A 768 15.21 8.05 -23.17
C ALA A 768 15.03 9.58 -23.10
N PRO A 769 16.12 10.33 -22.96
CA PRO A 769 15.99 11.79 -22.91
C PRO A 769 15.56 12.40 -24.23
N ARG A 770 15.61 11.64 -25.30
CA ARG A 770 15.21 12.10 -26.61
C ARG A 770 13.76 11.79 -26.96
N LEU A 771 13.10 10.93 -26.18
CA LEU A 771 11.77 10.51 -26.50
C LEU A 771 10.65 11.47 -26.23
N PRO A 772 9.56 11.35 -26.97
CA PRO A 772 8.40 12.16 -26.69
C PRO A 772 7.64 11.63 -25.45
N ALA A 773 6.84 12.49 -24.86
CA ALA A 773 5.99 12.13 -23.73
C ALA A 773 4.71 11.46 -24.24
N ALA A 774 4.08 10.64 -23.39
CA ALA A 774 2.80 10.06 -23.72
C ALA A 774 1.76 11.21 -23.71
N ASN A 775 0.60 11.04 -24.36
CA ASN A 775 -0.42 12.10 -24.43
C ASN A 775 -0.87 12.39 -23.04
N THR A 776 -1.12 13.65 -22.76
CA THR A 776 -1.55 14.05 -21.46
C THR A 776 -2.91 13.49 -21.15
N GLN A 777 -3.71 13.16 -22.13
CA GLN A 777 -5.01 12.58 -21.84
C GLN A 777 -4.79 11.05 -21.77
N VAL A 778 -4.92 10.48 -20.60
CA VAL A 778 -4.71 9.06 -20.44
C VAL A 778 -5.84 8.21 -20.99
N ARG A 779 -5.52 7.31 -21.89
CA ARG A 779 -6.46 6.38 -22.46
C ARG A 779 -6.11 4.89 -22.34
N THR A 780 -4.91 4.61 -21.89
CA THR A 780 -4.44 3.27 -21.61
C THR A 780 -3.62 3.33 -20.32
N VAL A 781 -3.98 2.50 -19.35
CA VAL A 781 -3.28 2.46 -18.07
C VAL A 781 -2.79 1.06 -17.78
N LEU A 782 -1.58 0.97 -17.27
CA LEU A 782 -1.04 -0.30 -16.82
C LEU A 782 -1.04 -0.26 -15.28
N LEU A 783 -1.78 -1.18 -14.69
CA LEU A 783 -1.89 -1.29 -13.24
C LEU A 783 -1.33 -2.63 -12.79
N THR A 784 -0.44 -2.56 -11.82
CA THR A 784 0.07 -3.77 -11.18
C THR A 784 -0.74 -3.94 -9.87
N GLY A 785 -0.67 -5.13 -9.29
CA GLY A 785 -1.28 -5.42 -8.00
C GLY A 785 -2.77 -5.37 -7.86
N ALA A 786 -3.50 -5.59 -8.96
CA ALA A 786 -4.96 -5.49 -8.91
C ALA A 786 -5.66 -6.51 -8.01
N THR A 787 -4.99 -7.63 -7.75
CA THR A 787 -5.50 -8.62 -6.83
C THR A 787 -5.27 -8.22 -5.33
N GLY A 788 -4.43 -7.21 -5.11
CA GLY A 788 -4.09 -6.72 -3.78
C GLY A 788 -5.22 -5.94 -3.16
N PHE A 789 -5.08 -5.59 -1.89
CA PHE A 789 -6.17 -4.86 -1.22
C PHE A 789 -6.32 -3.41 -1.74
N LEU A 790 -5.27 -2.61 -1.64
CA LEU A 790 -5.30 -1.29 -2.24
C LEU A 790 -5.43 -1.44 -3.78
N GLY A 791 -4.73 -2.40 -4.35
CA GLY A 791 -4.74 -2.56 -5.81
C GLY A 791 -6.11 -2.77 -6.42
N ARG A 792 -6.97 -3.55 -5.79
CA ARG A 792 -8.31 -3.79 -6.35
C ARG A 792 -9.14 -2.51 -6.38
N TYR A 793 -8.95 -1.67 -5.36
CA TYR A 793 -9.62 -0.37 -5.29
C TYR A 793 -9.09 0.58 -6.39
N LEU A 794 -7.81 0.48 -6.66
CA LEU A 794 -7.20 1.22 -7.75
C LEU A 794 -7.76 0.71 -9.08
N ALA A 795 -7.97 -0.59 -9.19
CA ALA A 795 -8.55 -1.15 -10.43
C ALA A 795 -9.95 -0.59 -10.65
N LEU A 796 -10.74 -0.49 -9.60
CA LEU A 796 -12.07 0.11 -9.74
C LEU A 796 -11.99 1.56 -10.15
N GLU A 797 -11.07 2.32 -9.56
CA GLU A 797 -10.91 3.72 -9.93
C GLU A 797 -10.56 3.84 -11.42
N TRP A 798 -9.59 3.09 -11.87
CA TRP A 798 -9.14 3.13 -13.23
C TRP A 798 -10.16 2.58 -14.23
N LEU A 799 -10.93 1.59 -13.84
CA LEU A 799 -11.97 1.06 -14.72
C LEU A 799 -13.00 2.17 -14.91
N GLU A 800 -13.36 2.84 -13.83
CA GLU A 800 -14.32 3.94 -13.88
C GLU A 800 -13.80 5.11 -14.72
N ARG A 801 -12.55 5.48 -14.54
CA ARG A 801 -11.90 6.55 -15.28
C ARG A 801 -11.78 6.22 -16.76
N MET A 802 -11.43 4.99 -17.08
CA MET A 802 -11.35 4.54 -18.45
C MET A 802 -12.74 4.47 -19.09
N ASP A 803 -13.76 4.16 -18.33
CA ASP A 803 -15.13 4.11 -18.85
C ASP A 803 -15.55 5.48 -19.36
N LEU A 804 -15.08 6.54 -18.73
CA LEU A 804 -15.38 7.89 -19.09
C LEU A 804 -14.88 8.27 -20.45
N VAL A 805 -13.72 7.80 -20.79
CA VAL A 805 -13.04 8.10 -22.02
C VAL A 805 -12.92 6.95 -23.01
N ASP A 806 -13.73 5.92 -22.86
CA ASP A 806 -13.65 4.75 -23.73
C ASP A 806 -12.23 4.25 -23.83
N GLY A 807 -11.52 4.18 -22.71
CA GLY A 807 -10.15 3.72 -22.68
C GLY A 807 -9.97 2.29 -22.23
N LYS A 808 -8.72 1.92 -21.93
CA LYS A 808 -8.39 0.59 -21.50
C LYS A 808 -7.49 0.53 -20.27
N LEU A 809 -7.82 -0.41 -19.41
CA LEU A 809 -7.02 -0.73 -18.23
C LEU A 809 -6.42 -2.12 -18.47
N ILE A 810 -5.12 -2.18 -18.37
CA ILE A 810 -4.39 -3.39 -18.50
C ILE A 810 -3.81 -3.75 -17.13
N CYS A 811 -4.17 -4.93 -16.62
CA CYS A 811 -3.69 -5.37 -15.31
C CYS A 811 -2.70 -6.53 -15.43
N LEU A 812 -1.55 -6.38 -14.80
CA LEU A 812 -0.54 -7.42 -14.74
C LEU A 812 -0.83 -8.23 -13.48
N VAL A 813 -1.11 -9.52 -13.64
CA VAL A 813 -1.50 -10.42 -12.56
C VAL A 813 -0.68 -11.71 -12.59
N ARG A 814 -0.25 -12.17 -11.43
CA ARG A 814 0.52 -13.42 -11.38
C ARG A 814 -0.41 -14.63 -11.55
N ALA A 815 -0.08 -15.42 -12.55
CA ALA A 815 -0.82 -16.65 -12.87
C ALA A 815 -0.05 -17.44 -13.91
N LYS A 816 -0.44 -18.69 -14.08
CA LYS A 816 0.19 -19.56 -15.08
C LYS A 816 -0.26 -19.31 -16.52
N SER A 817 -1.31 -18.57 -16.71
CA SER A 817 -1.81 -18.22 -18.02
C SER A 817 -2.66 -16.97 -17.92
N ASP A 818 -2.87 -16.30 -19.04
CA ASP A 818 -3.70 -15.12 -19.06
C ASP A 818 -5.11 -15.47 -18.61
N THR A 819 -5.63 -16.64 -19.02
CA THR A 819 -6.97 -17.01 -18.62
C THR A 819 -7.08 -17.18 -17.11
N GLU A 820 -6.12 -17.84 -16.52
CA GLU A 820 -6.09 -18.04 -15.09
C GLU A 820 -5.95 -16.67 -14.37
N ALA A 821 -5.18 -15.77 -14.96
CA ALA A 821 -4.98 -14.43 -14.39
C ALA A 821 -6.29 -13.66 -14.33
N ARG A 822 -7.04 -13.72 -15.43
CA ARG A 822 -8.33 -13.07 -15.49
C ARG A 822 -9.29 -13.67 -14.46
N ALA A 823 -9.25 -14.98 -14.30
CA ALA A 823 -10.11 -15.64 -13.33
C ALA A 823 -9.78 -15.17 -11.91
N ARG A 824 -8.50 -14.98 -11.62
CA ARG A 824 -8.13 -14.51 -10.29
C ARG A 824 -8.72 -13.12 -10.04
N LEU A 825 -8.62 -12.24 -11.00
CA LEU A 825 -9.14 -10.90 -10.83
C LEU A 825 -10.66 -10.88 -10.71
N ASP A 826 -11.30 -11.71 -11.51
CA ASP A 826 -12.73 -11.79 -11.47
C ASP A 826 -13.18 -12.22 -10.07
N LYS A 827 -12.49 -13.20 -9.51
CA LYS A 827 -12.78 -13.70 -8.17
C LYS A 827 -12.63 -12.63 -7.09
N THR A 828 -11.68 -11.73 -7.30
CA THR A 828 -11.41 -10.64 -6.35
C THR A 828 -12.66 -9.81 -6.10
N PHE A 829 -13.43 -9.61 -7.14
CA PHE A 829 -14.63 -8.82 -7.10
C PHE A 829 -15.93 -9.58 -6.82
N ASP A 830 -15.81 -10.86 -6.53
CA ASP A 830 -16.98 -11.71 -6.26
C ASP A 830 -16.87 -12.12 -4.82
N SER A 831 -17.28 -11.21 -3.97
CA SER A 831 -17.15 -11.25 -2.54
C SER A 831 -18.42 -11.23 -1.72
N GLY A 832 -19.55 -11.49 -2.35
CA GLY A 832 -20.80 -11.43 -1.65
C GLY A 832 -21.54 -10.12 -1.79
N ASP A 833 -21.09 -9.23 -2.66
CA ASP A 833 -21.74 -7.96 -2.90
C ASP A 833 -22.22 -7.95 -4.35
N PRO A 834 -23.52 -8.15 -4.55
CA PRO A 834 -24.05 -8.20 -5.91
C PRO A 834 -23.83 -6.96 -6.71
N GLU A 835 -23.93 -5.82 -6.08
CA GLU A 835 -23.73 -4.58 -6.77
C GLU A 835 -22.28 -4.40 -7.25
N LEU A 836 -21.32 -4.79 -6.43
CA LEU A 836 -19.92 -4.70 -6.84
C LEU A 836 -19.68 -5.62 -8.02
N LEU A 837 -20.23 -6.81 -7.94
CA LEU A 837 -20.03 -7.77 -9.00
C LEU A 837 -20.58 -7.26 -10.33
N ALA A 838 -21.76 -6.70 -10.30
CA ALA A 838 -22.36 -6.13 -11.49
C ALA A 838 -21.59 -4.95 -12.01
N HIS A 839 -21.14 -4.09 -11.12
CA HIS A 839 -20.39 -2.92 -11.51
C HIS A 839 -19.06 -3.31 -12.17
N TYR A 840 -18.33 -4.21 -11.56
CA TYR A 840 -17.08 -4.66 -12.12
C TYR A 840 -17.29 -5.34 -13.49
N ARG A 841 -18.29 -6.20 -13.55
CA ARG A 841 -18.56 -6.91 -14.81
C ARG A 841 -18.92 -5.99 -15.94
N ALA A 842 -19.73 -5.00 -15.68
CA ALA A 842 -20.09 -4.09 -16.72
C ALA A 842 -18.89 -3.34 -17.24
N LEU A 843 -18.07 -2.80 -16.34
CA LEU A 843 -16.88 -2.08 -16.74
C LEU A 843 -15.82 -2.94 -17.39
N ALA A 844 -15.62 -4.12 -16.86
CA ALA A 844 -14.61 -5.03 -17.35
C ALA A 844 -14.83 -5.52 -18.77
N GLY A 845 -16.08 -5.67 -19.15
CA GLY A 845 -16.40 -6.17 -20.47
C GLY A 845 -15.79 -5.36 -21.58
N ASP A 846 -15.84 -4.04 -21.53
CA ASP A 846 -15.21 -3.29 -22.57
C ASP A 846 -13.91 -2.58 -22.26
N HIS A 847 -13.53 -2.53 -20.99
CA HIS A 847 -12.33 -1.79 -20.67
C HIS A 847 -11.18 -2.51 -20.01
N LEU A 848 -11.27 -3.81 -19.81
CA LEU A 848 -10.22 -4.54 -19.12
C LEU A 848 -9.48 -5.57 -19.92
N GLU A 849 -8.16 -5.60 -19.79
CA GLU A 849 -7.31 -6.61 -20.33
C GLU A 849 -6.42 -7.11 -19.14
N VAL A 850 -6.34 -8.40 -18.95
CA VAL A 850 -5.49 -8.98 -17.90
C VAL A 850 -4.38 -9.79 -18.54
N LEU A 851 -3.16 -9.55 -18.15
CA LEU A 851 -2.03 -10.27 -18.61
C LEU A 851 -1.32 -10.98 -17.46
N ALA A 852 -0.99 -12.25 -17.65
CA ALA A 852 -0.22 -12.99 -16.69
C ALA A 852 1.23 -12.52 -16.78
N GLY A 853 1.84 -12.22 -15.64
CA GLY A 853 3.21 -11.76 -15.61
C GLY A 853 3.73 -11.66 -14.19
N ASP A 854 4.95 -11.18 -14.08
CA ASP A 854 5.64 -11.08 -12.81
C ASP A 854 6.66 -9.96 -12.95
N LYS A 855 6.61 -9.00 -12.04
CA LYS A 855 7.51 -7.84 -12.06
C LYS A 855 8.96 -8.16 -11.94
N GLY A 856 9.27 -9.25 -11.28
CA GLY A 856 10.63 -9.67 -11.10
C GLY A 856 11.32 -10.26 -12.31
N GLU A 857 10.53 -10.62 -13.29
CA GLU A 857 11.06 -11.25 -14.49
C GLU A 857 11.36 -10.27 -15.60
N ALA A 858 12.28 -10.66 -16.48
CA ALA A 858 12.62 -9.84 -17.63
C ALA A 858 11.37 -9.61 -18.44
N ASP A 859 11.17 -8.36 -18.83
CA ASP A 859 10.02 -7.93 -19.61
C ASP A 859 8.69 -8.23 -18.89
N LEU A 860 8.76 -8.25 -17.56
CA LEU A 860 7.57 -8.50 -16.71
C LEU A 860 7.02 -9.92 -16.96
N GLY A 861 7.86 -10.77 -17.55
CA GLY A 861 7.45 -12.12 -17.86
C GLY A 861 6.58 -12.21 -19.10
N LEU A 862 6.45 -11.11 -19.82
CA LEU A 862 5.62 -11.06 -20.99
C LEU A 862 6.27 -11.45 -22.32
N ASP A 863 5.41 -11.84 -23.24
CA ASP A 863 5.78 -12.11 -24.61
C ASP A 863 6.37 -10.77 -25.13
N ARG A 864 7.43 -10.85 -25.92
CA ARG A 864 8.09 -9.63 -26.41
C ARG A 864 7.21 -8.68 -27.22
N GLN A 865 6.43 -9.19 -28.15
CA GLN A 865 5.55 -8.35 -28.91
C GLN A 865 4.51 -7.64 -28.00
N THR A 866 3.99 -8.34 -27.02
CA THR A 866 3.04 -7.76 -26.09
C THR A 866 3.72 -6.68 -25.23
N TRP A 867 4.92 -6.94 -24.80
CA TRP A 867 5.67 -5.96 -24.02
C TRP A 867 5.84 -4.71 -24.87
N GLN A 868 6.18 -4.88 -26.14
CA GLN A 868 6.34 -3.75 -27.07
C GLN A 868 5.04 -3.00 -27.27
N ARG A 869 3.91 -3.70 -27.33
CA ARG A 869 2.64 -3.06 -27.46
C ARG A 869 2.39 -2.16 -26.22
N LEU A 870 2.72 -2.66 -25.03
CA LEU A 870 2.58 -1.86 -23.81
C LEU A 870 3.48 -0.63 -23.87
N ALA A 871 4.69 -0.83 -24.33
CA ALA A 871 5.63 0.28 -24.45
C ALA A 871 5.08 1.36 -25.38
N ASP A 872 4.48 0.93 -26.45
CA ASP A 872 3.93 1.84 -27.43
C ASP A 872 2.66 2.56 -27.06
N THR A 873 1.82 1.91 -26.25
CA THR A 873 0.51 2.41 -25.95
C THR A 873 0.18 2.90 -24.54
N VAL A 874 0.88 2.40 -23.53
CA VAL A 874 0.55 2.80 -22.15
C VAL A 874 0.83 4.29 -21.89
N ASP A 875 -0.17 4.96 -21.34
CA ASP A 875 -0.07 6.38 -21.04
C ASP A 875 0.24 6.70 -19.55
N LEU A 876 0.09 5.70 -18.68
CA LEU A 876 0.31 5.86 -17.23
C LEU A 876 0.57 4.48 -16.63
N ILE A 877 1.55 4.40 -15.74
CA ILE A 877 1.84 3.21 -14.96
C ILE A 877 1.41 3.52 -13.51
N VAL A 878 0.54 2.68 -12.96
CA VAL A 878 0.10 2.77 -11.56
C VAL A 878 0.64 1.46 -10.92
N ASP A 879 1.56 1.61 -9.97
CA ASP A 879 2.30 0.50 -9.39
C ASP A 879 2.30 0.36 -7.87
N PRO A 880 1.21 -0.26 -7.39
CA PRO A 880 1.10 -0.59 -5.95
C PRO A 880 1.60 -2.01 -5.65
N ALA A 881 1.89 -2.84 -6.64
CA ALA A 881 2.30 -4.22 -6.37
C ALA A 881 3.60 -4.28 -5.61
N ALA A 882 3.64 -5.17 -4.65
CA ALA A 882 4.82 -5.42 -3.84
C ALA A 882 4.60 -6.66 -2.99
N LEU A 883 5.70 -7.22 -2.51
CA LEU A 883 5.62 -8.27 -1.51
C LEU A 883 5.69 -7.50 -0.16
N VAL A 884 4.56 -7.36 0.52
CA VAL A 884 4.45 -6.63 1.78
C VAL A 884 4.60 -7.63 2.91
N ASN A 885 5.83 -7.77 3.34
CA ASN A 885 6.18 -8.71 4.41
C ASN A 885 7.16 -8.04 5.35
N HIS A 886 6.78 -7.92 6.60
CA HIS A 886 7.55 -7.23 7.62
C HIS A 886 8.64 -8.01 8.29
N VAL A 887 8.80 -9.26 7.94
CA VAL A 887 9.84 -10.04 8.55
C VAL A 887 10.92 -10.48 7.60
N LEU A 888 10.63 -10.55 6.32
CA LEU A 888 11.62 -10.94 5.35
C LEU A 888 12.74 -9.90 5.09
N PRO A 889 13.91 -10.40 4.74
CA PRO A 889 15.08 -9.55 4.46
C PRO A 889 15.08 -8.89 3.08
N TYR A 890 15.82 -7.80 2.94
CA TYR A 890 15.88 -7.08 1.69
C TYR A 890 16.39 -8.03 0.60
N SER A 891 17.25 -8.96 0.95
CA SER A 891 17.80 -9.89 -0.05
C SER A 891 16.69 -10.65 -0.76
N GLN A 892 15.64 -10.96 -0.06
CA GLN A 892 14.55 -11.68 -0.66
C GLN A 892 13.44 -10.80 -1.25
N LEU A 893 13.32 -9.56 -0.80
CA LEU A 893 12.33 -8.61 -1.30
C LEU A 893 12.83 -7.76 -2.49
N PHE A 894 14.11 -7.87 -2.81
CA PHE A 894 14.72 -7.12 -3.87
C PHE A 894 14.09 -7.43 -5.23
N GLY A 895 13.87 -8.70 -5.53
CA GLY A 895 13.30 -8.99 -6.82
C GLY A 895 11.92 -8.43 -7.12
N PRO A 896 10.95 -8.69 -6.25
CA PRO A 896 9.63 -8.13 -6.53
C PRO A 896 9.51 -6.61 -6.37
N ASN A 897 10.21 -6.05 -5.39
CA ASN A 897 10.05 -4.65 -5.02
C ASN A 897 11.03 -3.63 -5.57
N ALA A 898 12.27 -4.02 -5.79
CA ALA A 898 13.29 -3.11 -6.30
C ALA A 898 13.52 -3.37 -7.79
N LEU A 899 13.90 -4.59 -8.10
CA LEU A 899 14.07 -4.96 -9.47
C LEU A 899 12.73 -4.80 -10.21
N GLY A 900 11.63 -5.10 -9.55
CA GLY A 900 10.34 -4.95 -10.18
C GLY A 900 10.08 -3.50 -10.60
N THR A 901 10.55 -2.55 -9.79
CA THR A 901 10.42 -1.13 -10.12
C THR A 901 11.24 -0.83 -11.39
N ALA A 902 12.44 -1.34 -11.42
CA ALA A 902 13.32 -1.15 -12.56
C ALA A 902 12.71 -1.74 -13.85
N GLU A 903 12.03 -2.88 -13.76
CA GLU A 903 11.41 -3.46 -14.95
C GLU A 903 10.30 -2.56 -15.47
N LEU A 904 9.51 -2.01 -14.56
CA LEU A 904 8.44 -1.09 -14.96
C LEU A 904 9.07 0.18 -15.58
N LEU A 905 10.18 0.61 -15.01
CA LEU A 905 10.90 1.77 -15.54
C LEU A 905 11.38 1.50 -16.98
N ARG A 906 11.77 0.27 -17.29
CA ARG A 906 12.18 -0.03 -18.66
C ARG A 906 11.03 0.28 -19.58
N LEU A 907 9.84 -0.09 -19.19
CA LEU A 907 8.69 0.21 -19.97
C LEU A 907 8.40 1.71 -20.07
N ALA A 908 8.54 2.42 -18.96
CA ALA A 908 8.30 3.85 -18.86
C ALA A 908 9.28 4.68 -19.71
N LEU A 909 10.43 4.09 -19.97
CA LEU A 909 11.51 4.74 -20.70
C LEU A 909 11.66 4.29 -22.15
N THR A 910 10.71 3.52 -22.64
CA THR A 910 10.71 3.01 -24.01
C THR A 910 9.53 3.53 -24.81
N SER A 911 9.83 3.95 -26.05
CA SER A 911 8.88 4.47 -27.03
C SER A 911 8.35 5.84 -26.75
N LYS A 912 7.72 6.01 -25.58
CA LYS A 912 7.19 7.27 -25.13
C LYS A 912 7.37 7.28 -23.61
N ILE A 913 7.73 8.43 -23.05
CA ILE A 913 7.98 8.56 -21.63
C ILE A 913 6.66 8.56 -20.90
N LYS A 914 6.56 7.65 -19.94
CA LYS A 914 5.34 7.44 -19.20
C LYS A 914 5.36 7.87 -17.71
N PRO A 915 4.31 8.61 -17.33
CA PRO A 915 4.15 8.98 -15.91
C PRO A 915 4.02 7.69 -15.07
N TYR A 916 4.59 7.75 -13.88
CA TYR A 916 4.64 6.61 -13.00
C TYR A 916 4.17 6.99 -11.59
N SER A 917 3.09 6.37 -11.16
CA SER A 917 2.56 6.54 -9.80
C SER A 917 2.95 5.27 -9.00
N TYR A 918 3.66 5.47 -7.90
CA TYR A 918 4.21 4.42 -7.06
C TYR A 918 3.78 4.56 -5.62
N THR A 919 3.47 3.43 -5.01
CA THR A 919 3.20 3.45 -3.59
C THR A 919 4.47 2.96 -2.85
N SER A 920 4.87 3.72 -1.87
CA SER A 920 6.01 3.40 -1.01
C SER A 920 5.43 3.21 0.43
N THR A 921 6.32 3.15 1.39
CA THR A 921 5.95 3.00 2.78
C THR A 921 6.52 4.13 3.63
N ILE A 922 5.75 4.57 4.58
CA ILE A 922 6.20 5.59 5.52
C ILE A 922 7.36 5.00 6.36
N GLY A 923 7.49 3.69 6.35
CA GLY A 923 8.54 2.97 7.07
C GLY A 923 9.93 3.27 6.58
N VAL A 924 10.07 3.90 5.41
CA VAL A 924 11.41 4.29 4.95
C VAL A 924 12.07 5.26 5.97
N ALA A 925 11.25 5.91 6.76
CA ALA A 925 11.68 6.86 7.81
C ALA A 925 12.35 6.19 9.00
N ASP A 926 12.30 4.87 9.04
CA ASP A 926 12.92 4.10 10.15
C ASP A 926 14.41 4.41 10.29
N GLN A 927 15.07 4.74 9.21
CA GLN A 927 16.49 5.03 9.19
C GLN A 927 16.82 6.48 8.85
N ILE A 928 15.86 7.36 9.05
CA ILE A 928 16.03 8.76 8.72
C ILE A 928 15.68 9.61 9.94
N PRO A 929 16.54 10.59 10.28
CA PRO A 929 16.20 11.44 11.42
C PRO A 929 14.91 12.18 11.11
N PRO A 930 14.01 12.21 12.09
CA PRO A 930 12.75 12.89 11.90
C PRO A 930 12.94 14.35 11.49
N SER A 931 13.96 15.02 12.02
CA SER A 931 14.24 16.40 11.70
C SER A 931 14.59 16.60 10.22
N ALA A 932 14.96 15.54 9.52
CA ALA A 932 15.31 15.60 8.10
C ALA A 932 14.26 15.02 7.15
N PHE A 933 13.27 14.34 7.70
CA PHE A 933 12.27 13.59 6.92
C PHE A 933 11.09 14.45 6.49
N THR A 934 10.94 14.60 5.19
CA THR A 934 9.85 15.37 4.61
C THR A 934 9.40 14.77 3.28
N GLU A 935 8.27 15.26 2.80
CA GLU A 935 7.77 14.87 1.50
C GLU A 935 8.67 15.37 0.33
N ASP A 936 9.04 16.64 0.39
CA ASP A 936 9.84 17.27 -0.66
C ASP A 936 11.26 16.78 -0.84
N ALA A 937 11.84 16.22 0.19
CA ALA A 937 13.22 15.82 0.11
C ALA A 937 13.51 14.75 -0.95
N ASP A 938 14.74 14.77 -1.45
CA ASP A 938 15.22 13.76 -2.37
C ASP A 938 15.67 12.63 -1.43
N ILE A 939 15.03 11.47 -1.58
CA ILE A 939 15.28 10.30 -0.75
C ILE A 939 16.76 9.89 -0.79
N ARG A 940 17.41 10.14 -1.91
CA ARG A 940 18.84 9.81 -2.07
C ARG A 940 19.75 10.64 -1.16
N VAL A 941 19.29 11.84 -0.84
CA VAL A 941 20.04 12.78 0.00
C VAL A 941 19.81 12.51 1.48
N ILE A 942 18.56 12.37 1.87
CA ILE A 942 18.20 12.12 3.26
C ILE A 942 18.36 10.65 3.73
N SER A 943 18.48 9.75 2.77
CA SER A 943 18.68 8.34 3.06
C SER A 943 19.70 7.73 2.07
N ALA A 944 20.91 8.25 2.13
CA ALA A 944 22.00 7.80 1.27
C ALA A 944 22.52 6.39 1.60
N THR A 945 22.58 6.10 2.88
CA THR A 945 23.07 4.84 3.37
C THR A 945 22.10 4.24 4.38
N ARG A 946 21.85 2.94 4.29
CA ARG A 946 20.96 2.27 5.17
C ARG A 946 21.52 0.94 5.67
N ALA A 947 21.19 0.59 6.87
CA ALA A 947 21.60 -0.68 7.44
C ALA A 947 20.68 -1.81 7.00
N VAL A 948 21.28 -2.99 6.92
CA VAL A 948 20.58 -4.23 6.65
C VAL A 948 20.74 -4.96 7.98
N ASP A 949 19.64 -5.28 8.64
CA ASP A 949 19.62 -5.91 9.96
C ASP A 949 18.31 -6.58 10.31
N ASP A 950 18.14 -6.86 11.61
CA ASP A 950 16.99 -7.53 12.21
C ASP A 950 15.86 -6.70 12.75
N SER A 951 15.92 -5.40 12.62
CA SER A 951 14.87 -4.61 13.15
C SER A 951 13.57 -4.87 12.36
N TYR A 952 12.48 -4.46 12.95
CA TYR A 952 11.18 -4.71 12.36
C TYR A 952 11.07 -4.08 11.01
N ALA A 953 10.64 -4.87 10.03
CA ALA A 953 10.42 -4.41 8.67
C ALA A 953 11.65 -3.80 8.04
N ASN A 954 12.84 -4.15 8.50
CA ASN A 954 14.04 -3.58 7.92
C ASN A 954 14.14 -3.89 6.45
N GLY A 955 13.90 -5.14 6.09
CA GLY A 955 13.99 -5.54 4.72
C GLY A 955 12.92 -4.92 3.81
N TYR A 956 11.69 -4.92 4.27
CA TYR A 956 10.60 -4.35 3.50
C TYR A 956 10.83 -2.85 3.27
N SER A 957 11.18 -2.12 4.30
CA SER A 957 11.42 -0.69 4.17
C SER A 957 12.61 -0.41 3.24
N ASN A 958 13.66 -1.18 3.33
CA ASN A 958 14.77 -1.02 2.44
C ASN A 958 14.32 -1.26 0.98
N SER A 959 13.50 -2.28 0.77
CA SER A 959 13.07 -2.62 -0.57
C SER A 959 12.24 -1.49 -1.22
N LYS A 960 11.38 -0.85 -0.43
CA LYS A 960 10.54 0.25 -0.90
C LYS A 960 11.39 1.51 -1.19
N TRP A 961 12.37 1.73 -0.32
CA TRP A 961 13.32 2.83 -0.49
C TRP A 961 14.05 2.65 -1.83
N ALA A 962 14.42 1.42 -2.14
CA ALA A 962 15.14 1.15 -3.38
C ALA A 962 14.32 1.54 -4.60
N GLY A 963 13.03 1.24 -4.57
CA GLY A 963 12.15 1.65 -5.65
C GLY A 963 12.11 3.20 -5.78
N GLU A 964 12.06 3.91 -4.66
CA GLU A 964 12.05 5.37 -4.71
C GLU A 964 13.35 5.90 -5.33
N VAL A 965 14.45 5.30 -4.94
CA VAL A 965 15.76 5.73 -5.45
C VAL A 965 15.83 5.56 -6.99
N LEU A 966 15.36 4.42 -7.45
CA LEU A 966 15.35 4.13 -8.88
C LEU A 966 14.47 5.14 -9.62
N LEU A 967 13.32 5.49 -9.05
CA LEU A 967 12.43 6.47 -9.65
C LEU A 967 13.15 7.84 -9.71
N ARG A 968 13.88 8.18 -8.67
CA ARG A 968 14.64 9.45 -8.67
C ARG A 968 15.71 9.43 -9.78
N GLU A 969 16.39 8.30 -9.94
CA GLU A 969 17.39 8.18 -11.00
C GLU A 969 16.73 8.35 -12.37
N ALA A 970 15.59 7.74 -12.56
CA ALA A 970 14.90 7.85 -13.82
C ALA A 970 14.45 9.27 -14.12
N HIS A 971 13.98 9.96 -13.08
CA HIS A 971 13.54 11.34 -13.24
C HIS A 971 14.72 12.26 -13.64
N ASP A 972 15.86 12.01 -13.06
CA ASP A 972 17.04 12.80 -13.43
C ASP A 972 17.40 12.53 -14.90
N LEU A 973 17.28 11.29 -15.32
CA LEU A 973 17.62 10.92 -16.69
C LEU A 973 16.74 11.48 -17.77
N CYS A 974 15.43 11.43 -17.61
CA CYS A 974 14.50 11.84 -18.63
C CYS A 974 13.32 12.70 -18.23
N GLY A 975 13.24 13.09 -16.95
CA GLY A 975 12.16 13.93 -16.49
C GLY A 975 10.79 13.29 -16.41
N LEU A 976 10.71 11.97 -16.37
CA LEU A 976 9.38 11.37 -16.32
C LEU A 976 8.64 11.84 -15.08
N PRO A 977 7.36 12.09 -15.26
CA PRO A 977 6.54 12.52 -14.12
C PRO A 977 6.44 11.31 -13.17
N VAL A 978 6.67 11.60 -11.91
CA VAL A 978 6.61 10.60 -10.84
C VAL A 978 5.80 11.12 -9.67
N ALA A 979 4.95 10.25 -9.14
CA ALA A 979 4.24 10.55 -7.88
C ALA A 979 4.53 9.36 -6.96
N VAL A 980 5.09 9.62 -5.79
CA VAL A 980 5.37 8.60 -4.78
C VAL A 980 4.43 8.85 -3.62
N PHE A 981 3.65 7.84 -3.26
CA PHE A 981 2.69 7.93 -2.15
C PHE A 981 3.18 6.99 -1.04
N ARG A 982 3.70 7.57 0.03
CA ARG A 982 4.18 6.77 1.18
C ARG A 982 2.97 6.48 2.06
N CYS A 983 2.61 5.21 2.07
CA CYS A 983 1.46 4.73 2.82
C CYS A 983 1.86 3.92 4.05
N ASP A 984 0.85 3.62 4.86
CA ASP A 984 1.05 2.82 6.05
C ASP A 984 -0.19 1.97 6.28
N MET A 985 -1.04 2.36 7.20
CA MET A 985 -2.23 1.58 7.56
C MET A 985 -3.38 1.87 6.66
N ILE A 986 -3.78 0.84 5.92
CA ILE A 986 -4.86 0.96 4.97
C ILE A 986 -6.05 0.19 5.52
N LEU A 987 -7.07 0.92 5.85
CA LEU A 987 -8.29 0.35 6.41
C LEU A 987 -9.34 0.00 5.39
N ALA A 988 -10.26 -0.85 5.80
CA ALA A 988 -11.39 -1.21 4.97
C ALA A 988 -12.30 0.03 4.84
N ASP A 989 -13.24 -0.04 3.91
CA ASP A 989 -14.14 1.07 3.63
C ASP A 989 -15.55 0.54 3.30
N THR A 990 -16.48 1.45 3.32
CA THR A 990 -17.88 1.14 3.31
C THR A 990 -18.69 0.88 2.05
N THR A 991 -18.19 1.25 0.90
CA THR A 991 -19.01 1.08 -0.30
C THR A 991 -19.35 -0.33 -0.70
N TRP A 992 -18.37 -1.22 -0.65
CA TRP A 992 -18.53 -2.58 -1.10
C TRP A 992 -18.34 -3.60 0.00
N ALA A 993 -19.25 -4.54 0.09
CA ALA A 993 -19.19 -5.57 1.08
C ALA A 993 -18.26 -6.74 0.78
N GLY A 994 -17.76 -7.35 1.84
CA GLY A 994 -16.92 -8.52 1.77
C GLY A 994 -15.48 -8.30 1.34
N GLN A 995 -15.00 -7.10 1.55
CA GLN A 995 -13.65 -6.71 1.15
C GLN A 995 -12.77 -6.32 2.33
N LEU A 996 -11.95 -7.24 2.77
CA LEU A 996 -10.99 -7.02 3.85
C LEU A 996 -9.64 -7.61 3.51
N ASN A 997 -8.59 -7.08 4.09
CA ASN A 997 -7.23 -7.63 3.96
C ASN A 997 -7.15 -8.48 5.25
N VAL A 998 -7.53 -9.75 5.16
CA VAL A 998 -7.65 -10.61 6.32
C VAL A 998 -6.39 -10.81 7.16
N PRO A 999 -5.23 -10.98 6.52
CA PRO A 999 -4.01 -11.14 7.31
C PRO A 999 -3.48 -9.88 7.99
N ASP A 1000 -3.99 -8.72 7.62
CA ASP A 1000 -3.51 -7.49 8.18
C ASP A 1000 -3.71 -7.46 9.70
N MET A 1001 -2.76 -6.87 10.39
CA MET A 1001 -2.80 -6.84 11.84
C MET A 1001 -4.06 -6.18 12.38
N PHE A 1002 -4.51 -5.12 11.75
CA PHE A 1002 -5.72 -4.44 12.21
C PHE A 1002 -6.96 -5.32 12.08
N THR A 1003 -7.08 -6.02 10.97
CA THR A 1003 -8.20 -6.90 10.76
C THR A 1003 -8.18 -7.99 11.82
N ARG A 1004 -7.00 -8.52 12.08
CA ARG A 1004 -6.82 -9.55 13.10
C ARG A 1004 -7.24 -9.03 14.48
N MET A 1005 -6.90 -7.80 14.77
CA MET A 1005 -7.29 -7.21 16.05
C MET A 1005 -8.80 -7.07 16.19
N ILE A 1006 -9.49 -6.56 15.19
CA ILE A 1006 -10.93 -6.43 15.28
C ILE A 1006 -11.61 -7.79 15.42
N LEU A 1007 -11.19 -8.76 14.63
CA LEU A 1007 -11.76 -10.09 14.72
C LEU A 1007 -11.55 -10.63 16.14
N SER A 1008 -10.38 -10.43 16.69
CA SER A 1008 -10.01 -10.92 18.02
C SER A 1008 -10.83 -10.28 19.12
N LEU A 1009 -11.00 -8.98 19.06
CA LEU A 1009 -11.84 -8.29 20.04
C LEU A 1009 -13.29 -8.77 19.94
N ALA A 1010 -13.82 -8.86 18.75
CA ALA A 1010 -15.18 -9.30 18.57
C ALA A 1010 -15.40 -10.74 19.03
N ALA A 1011 -14.47 -11.60 18.67
CA ALA A 1011 -14.58 -13.02 19.00
C ALA A 1011 -14.40 -13.34 20.48
N THR A 1012 -13.54 -12.62 21.15
CA THR A 1012 -13.28 -12.83 22.56
C THR A 1012 -14.15 -11.99 23.51
N GLY A 1013 -14.60 -10.84 23.05
CA GLY A 1013 -15.40 -9.96 23.88
C GLY A 1013 -14.67 -9.23 25.00
N ILE A 1014 -13.35 -9.19 24.96
CA ILE A 1014 -12.58 -8.49 26.00
C ILE A 1014 -11.51 -7.57 25.42
N ALA A 1015 -11.45 -6.39 26.02
CA ALA A 1015 -10.51 -5.34 25.67
C ALA A 1015 -9.85 -4.84 26.93
N PRO A 1016 -8.68 -4.23 26.79
CA PRO A 1016 -8.00 -3.66 27.96
C PRO A 1016 -8.61 -2.31 28.38
N GLY A 1017 -8.35 -1.88 29.60
CA GLY A 1017 -8.88 -0.60 30.07
C GLY A 1017 -8.44 0.46 29.06
N SER A 1018 -7.21 0.34 28.61
CA SER A 1018 -6.71 1.15 27.52
C SER A 1018 -5.65 0.39 26.75
N PHE A 1019 -5.66 0.55 25.43
CA PHE A 1019 -4.61 0.01 24.61
C PHE A 1019 -3.32 0.82 24.75
N TYR A 1020 -3.42 1.99 25.34
CA TYR A 1020 -2.32 2.92 25.49
C TYR A 1020 -1.88 3.14 26.95
N GLU A 1021 -0.69 3.67 27.09
CA GLU A 1021 -0.14 3.97 28.38
C GLU A 1021 -1.09 4.91 29.09
N LEU A 1022 -1.23 4.70 30.38
CA LEU A 1022 -2.10 5.54 31.20
C LEU A 1022 -1.34 6.78 31.69
N ALA A 1023 -2.06 7.80 32.07
CA ALA A 1023 -1.46 9.01 32.58
C ALA A 1023 -0.96 8.74 34.00
N ALA A 1024 -0.23 9.68 34.59
CA ALA A 1024 0.31 9.54 35.96
C ALA A 1024 -0.80 9.37 36.98
N ASP A 1025 -1.94 9.96 36.76
CA ASP A 1025 -3.04 9.80 37.67
C ASP A 1025 -3.91 8.59 37.34
N GLY A 1026 -3.44 7.75 36.43
CA GLY A 1026 -4.12 6.54 36.02
C GLY A 1026 -5.23 6.68 34.97
N ALA A 1027 -5.44 7.88 34.48
CA ALA A 1027 -6.47 8.09 33.50
C ALA A 1027 -6.09 7.63 32.09
N ARG A 1028 -7.09 7.32 31.31
CA ARG A 1028 -6.93 6.98 29.90
C ARG A 1028 -6.44 8.27 29.21
N GLN A 1029 -5.46 8.16 28.33
CA GLN A 1029 -4.90 9.31 27.63
C GLN A 1029 -5.44 9.47 26.20
N ARG A 1030 -5.48 10.72 25.74
CA ARG A 1030 -5.93 11.01 24.38
C ARG A 1030 -4.98 10.34 23.40
N ALA A 1031 -5.53 9.68 22.40
CA ALA A 1031 -4.75 8.95 21.41
C ALA A 1031 -5.33 9.09 20.02
N HIS A 1032 -4.53 8.74 19.03
CA HIS A 1032 -4.95 8.79 17.65
C HIS A 1032 -4.39 7.59 16.88
N TYR A 1033 -5.28 6.90 16.21
CA TYR A 1033 -4.88 5.77 15.37
C TYR A 1033 -4.65 6.33 13.94
N ASP A 1034 -3.43 6.18 13.46
CA ASP A 1034 -3.07 6.70 12.16
C ASP A 1034 -3.33 5.68 11.08
N GLY A 1035 -4.51 5.77 10.51
CA GLY A 1035 -4.88 4.93 9.39
C GLY A 1035 -5.91 5.67 8.54
N LEU A 1036 -6.03 5.24 7.30
CA LEU A 1036 -6.98 5.83 6.35
C LEU A 1036 -7.71 4.72 5.57
N PRO A 1037 -8.99 5.01 5.26
CA PRO A 1037 -9.82 4.06 4.50
C PRO A 1037 -9.37 3.98 3.03
N VAL A 1038 -9.45 2.77 2.52
CA VAL A 1038 -8.93 2.43 1.21
C VAL A 1038 -9.53 3.18 0.02
N GLU A 1039 -10.83 3.47 0.02
CA GLU A 1039 -11.40 4.18 -1.11
C GLU A 1039 -10.80 5.59 -1.22
N PHE A 1040 -10.61 6.24 -0.10
CA PHE A 1040 -10.01 7.55 -0.11
C PHE A 1040 -8.57 7.46 -0.67
N ILE A 1041 -7.80 6.50 -0.19
CA ILE A 1041 -6.43 6.37 -0.65
C ILE A 1041 -6.36 6.09 -2.16
N ALA A 1042 -7.20 5.21 -2.64
CA ALA A 1042 -7.20 4.92 -4.06
C ALA A 1042 -7.60 6.13 -4.90
N GLU A 1043 -8.58 6.88 -4.42
CA GLU A 1043 -9.00 8.08 -5.15
C GLU A 1043 -7.86 9.13 -5.15
N ALA A 1044 -7.20 9.30 -4.03
CA ALA A 1044 -6.11 10.27 -3.94
C ALA A 1044 -4.93 9.90 -4.83
N ILE A 1045 -4.54 8.65 -4.82
CA ILE A 1045 -3.42 8.21 -5.64
C ILE A 1045 -3.77 8.44 -7.12
N SER A 1046 -4.99 8.14 -7.47
CA SER A 1046 -5.43 8.29 -8.84
C SER A 1046 -5.51 9.77 -9.28
N THR A 1047 -6.25 10.58 -8.54
CA THR A 1047 -6.38 12.01 -8.85
C THR A 1047 -5.09 12.82 -8.74
N LEU A 1048 -4.29 12.56 -7.72
CA LEU A 1048 -3.06 13.31 -7.50
C LEU A 1048 -1.80 12.73 -8.10
N GLY A 1049 -1.96 11.63 -8.82
CA GLY A 1049 -0.85 10.90 -9.37
C GLY A 1049 -0.07 11.53 -10.50
N ALA A 1050 0.85 10.76 -11.03
CA ALA A 1050 1.83 11.27 -11.99
C ALA A 1050 1.26 11.87 -13.27
N GLN A 1051 0.11 11.42 -13.69
CA GLN A 1051 -0.52 11.96 -14.91
C GLN A 1051 -1.08 13.35 -14.69
N SER A 1052 -1.28 13.72 -13.44
CA SER A 1052 -1.88 14.99 -13.06
C SER A 1052 -1.04 16.24 -13.22
N GLN A 1053 0.25 16.10 -13.19
CA GLN A 1053 1.13 17.25 -13.35
C GLN A 1053 2.52 16.77 -13.63
N ASP A 1054 3.38 17.67 -14.05
CA ASP A 1054 4.74 17.32 -14.30
C ASP A 1054 5.60 17.36 -13.05
N GLY A 1055 6.80 16.85 -13.09
CA GLY A 1055 7.69 16.85 -11.97
C GLY A 1055 7.70 15.59 -11.12
N PHE A 1056 8.45 15.65 -10.05
CA PHE A 1056 8.59 14.56 -9.08
C PHE A 1056 7.94 15.02 -7.79
N HIS A 1057 6.91 14.31 -7.36
CA HIS A 1057 6.18 14.66 -6.16
C HIS A 1057 6.02 13.47 -5.22
N THR A 1058 6.31 13.70 -3.96
CA THR A 1058 6.17 12.70 -2.89
C THR A 1058 5.10 13.20 -1.91
N TYR A 1059 4.26 12.28 -1.48
CA TYR A 1059 3.16 12.56 -0.59
C TYR A 1059 3.13 11.56 0.55
N HIS A 1060 2.80 12.04 1.73
CA HIS A 1060 2.64 11.17 2.88
C HIS A 1060 1.15 10.93 3.12
N VAL A 1061 0.70 9.72 2.79
CA VAL A 1061 -0.70 9.32 2.89
C VAL A 1061 -0.94 8.81 4.31
N MET A 1062 -1.08 9.76 5.21
CA MET A 1062 -1.24 9.49 6.62
C MET A 1062 -2.38 10.37 7.18
N ASN A 1063 -2.88 9.93 8.33
CA ASN A 1063 -3.99 10.58 9.04
C ASN A 1063 -3.37 11.46 10.12
N PRO A 1064 -3.36 12.77 9.85
CA PRO A 1064 -2.65 13.72 10.70
C PRO A 1064 -3.36 14.33 11.90
N TYR A 1065 -4.62 14.03 12.05
CA TYR A 1065 -5.40 14.70 13.07
C TYR A 1065 -5.17 14.39 14.53
N ASP A 1066 -5.15 15.43 15.36
CA ASP A 1066 -5.14 15.27 16.81
C ASP A 1066 -6.64 15.27 17.16
N ASP A 1067 -7.30 14.17 16.86
CA ASP A 1067 -8.73 14.06 17.01
C ASP A 1067 -9.26 13.20 18.14
N GLY A 1068 -8.36 12.59 18.88
CA GLY A 1068 -8.76 11.73 19.95
C GLY A 1068 -9.41 10.41 19.53
N ILE A 1069 -9.25 10.01 18.27
CA ILE A 1069 -9.84 8.77 17.79
C ILE A 1069 -8.74 7.73 17.68
N GLY A 1070 -8.71 6.85 18.67
CA GLY A 1070 -7.74 5.79 18.80
C GLY A 1070 -8.42 4.44 19.02
N LEU A 1071 -7.61 3.45 19.34
CA LEU A 1071 -8.10 2.09 19.52
C LEU A 1071 -9.20 1.99 20.59
N ASP A 1072 -9.09 2.78 21.64
CA ASP A 1072 -10.11 2.75 22.71
C ASP A 1072 -11.50 3.17 22.18
N GLU A 1073 -11.51 4.17 21.32
CA GLU A 1073 -12.71 4.65 20.67
C GLU A 1073 -13.29 3.58 19.74
N PHE A 1074 -12.43 2.82 19.08
CA PHE A 1074 -12.90 1.74 18.19
C PHE A 1074 -13.67 0.69 19.00
N VAL A 1075 -13.15 0.39 20.18
CA VAL A 1075 -13.82 -0.56 21.07
C VAL A 1075 -15.20 -0.01 21.44
N ASP A 1076 -15.27 1.27 21.78
CA ASP A 1076 -16.54 1.87 22.15
C ASP A 1076 -17.53 1.79 20.97
N TRP A 1077 -17.05 2.04 19.75
CA TRP A 1077 -17.91 1.96 18.56
C TRP A 1077 -18.43 0.54 18.31
N LEU A 1078 -17.57 -0.43 18.57
CA LEU A 1078 -18.01 -1.81 18.40
C LEU A 1078 -19.16 -2.07 19.39
N ASN A 1079 -19.01 -1.61 20.62
CA ASN A 1079 -20.11 -1.79 21.59
C ASN A 1079 -21.38 -1.07 21.18
N GLU A 1080 -21.26 0.15 20.70
CA GLU A 1080 -22.41 0.95 20.27
C GLU A 1080 -23.12 0.24 19.14
N SER A 1081 -22.42 -0.58 18.36
CA SER A 1081 -23.02 -1.28 17.25
C SER A 1081 -23.68 -2.60 17.63
N GLY A 1082 -23.55 -2.96 18.87
CA GLY A 1082 -24.10 -4.19 19.36
C GLY A 1082 -23.18 -5.36 19.53
N CYS A 1083 -21.88 -5.14 19.42
CA CYS A 1083 -20.90 -6.18 19.60
C CYS A 1083 -20.35 -6.00 21.00
N PRO A 1084 -20.74 -6.90 21.93
CA PRO A 1084 -20.38 -6.70 23.34
C PRO A 1084 -18.96 -7.02 23.74
N ILE A 1085 -18.26 -5.98 24.07
CA ILE A 1085 -16.89 -6.08 24.47
C ILE A 1085 -16.69 -5.40 25.81
N GLN A 1086 -16.23 -6.15 26.79
CA GLN A 1086 -16.00 -5.59 28.11
C GLN A 1086 -14.54 -5.29 28.37
N ARG A 1087 -14.27 -4.33 29.21
CA ARG A 1087 -12.90 -3.96 29.53
C ARG A 1087 -12.38 -4.65 30.78
N ILE A 1088 -11.15 -5.09 30.69
CA ILE A 1088 -10.40 -5.66 31.81
C ILE A 1088 -9.41 -4.53 32.10
N ALA A 1089 -9.55 -3.90 33.26
CA ALA A 1089 -8.81 -2.70 33.57
C ALA A 1089 -7.31 -2.78 33.51
N ASP A 1090 -6.71 -3.79 34.09
CA ASP A 1090 -5.29 -3.94 34.06
C ASP A 1090 -4.82 -4.55 32.73
N TYR A 1091 -3.89 -3.87 32.07
CA TYR A 1091 -3.43 -4.31 30.75
C TYR A 1091 -2.84 -5.71 30.73
N GLY A 1092 -1.98 -6.03 31.69
CA GLY A 1092 -1.39 -7.34 31.77
C GLY A 1092 -2.38 -8.45 31.97
N ASP A 1093 -3.35 -8.20 32.82
CA ASP A 1093 -4.40 -9.12 33.10
C ASP A 1093 -5.21 -9.33 31.80
N TRP A 1094 -5.51 -8.25 31.10
CA TRP A 1094 -6.24 -8.40 29.86
C TRP A 1094 -5.44 -9.26 28.89
N LEU A 1095 -4.17 -8.99 28.75
CA LEU A 1095 -3.36 -9.69 27.80
C LEU A 1095 -3.31 -11.20 28.02
N GLN A 1096 -3.22 -11.60 29.27
CA GLN A 1096 -3.25 -13.02 29.57
C GLN A 1096 -4.62 -13.67 29.31
N ARG A 1097 -5.69 -12.98 29.68
CA ARG A 1097 -7.02 -13.48 29.41
C ARG A 1097 -7.28 -13.56 27.91
N PHE A 1098 -6.79 -12.55 27.19
CA PHE A 1098 -6.94 -12.46 25.75
C PHE A 1098 -6.24 -13.62 25.05
N GLU A 1099 -5.01 -13.90 25.44
CA GLU A 1099 -4.28 -15.01 24.86
C GLU A 1099 -5.01 -16.33 25.11
N THR A 1100 -5.48 -16.53 26.33
CA THR A 1100 -6.22 -17.74 26.64
C THR A 1100 -7.48 -17.86 25.82
N ALA A 1101 -8.23 -16.77 25.68
CA ALA A 1101 -9.44 -16.80 24.90
C ALA A 1101 -9.18 -17.10 23.42
N LEU A 1102 -8.11 -16.53 22.90
CA LEU A 1102 -7.72 -16.73 21.51
C LEU A 1102 -7.37 -18.20 21.27
N ARG A 1103 -6.64 -18.78 22.20
CA ARG A 1103 -6.23 -20.20 22.13
C ARG A 1103 -7.43 -21.12 22.12
N ALA A 1104 -8.53 -20.68 22.73
CA ALA A 1104 -9.75 -21.45 22.82
C ALA A 1104 -10.67 -21.36 21.62
N LEU A 1105 -10.38 -20.44 20.72
CA LEU A 1105 -11.20 -20.28 19.55
C LEU A 1105 -11.05 -21.45 18.60
N PRO A 1106 -12.08 -21.70 17.80
CA PRO A 1106 -12.00 -22.77 16.81
C PRO A 1106 -10.95 -22.36 15.75
N ASP A 1107 -10.46 -23.35 15.01
CA ASP A 1107 -9.38 -23.11 14.10
C ASP A 1107 -9.58 -21.98 13.12
N ARG A 1108 -10.73 -21.93 12.49
CA ARG A 1108 -10.90 -20.89 11.48
C ARG A 1108 -10.72 -19.48 12.07
N GLN A 1109 -11.30 -19.21 13.23
CA GLN A 1109 -11.11 -17.93 13.85
C GLN A 1109 -9.72 -17.71 14.40
N ARG A 1110 -9.23 -18.73 15.07
CA ARG A 1110 -7.94 -18.63 15.68
C ARG A 1110 -6.81 -18.35 14.68
N HIS A 1111 -6.86 -19.04 13.56
CA HIS A 1111 -5.86 -18.90 12.52
C HIS A 1111 -5.79 -17.44 11.99
N SER A 1112 -6.93 -16.77 11.94
CA SER A 1112 -7.01 -15.40 11.44
C SER A 1112 -7.02 -14.35 12.53
N SER A 1113 -6.71 -14.77 13.75
CA SER A 1113 -6.71 -13.86 14.89
C SER A 1113 -5.36 -13.20 15.14
N LEU A 1114 -5.27 -12.48 16.23
CA LEU A 1114 -4.05 -11.81 16.58
C LEU A 1114 -3.02 -12.72 17.30
N LEU A 1115 -3.38 -13.95 17.56
CA LEU A 1115 -2.54 -14.81 18.37
C LEU A 1115 -1.08 -14.91 17.92
N PRO A 1116 -0.84 -15.05 16.60
CA PRO A 1116 0.55 -15.15 16.17
C PRO A 1116 1.35 -13.85 16.30
N LEU A 1117 0.67 -12.74 16.54
CA LEU A 1117 1.30 -11.44 16.63
C LEU A 1117 1.26 -10.84 18.00
N LEU A 1118 0.90 -11.62 18.98
CA LEU A 1118 0.77 -11.12 20.32
C LEU A 1118 2.01 -10.54 20.93
N HIS A 1119 3.15 -10.95 20.43
CA HIS A 1119 4.40 -10.42 20.91
C HIS A 1119 4.50 -8.91 20.67
N ASN A 1120 3.77 -8.42 19.70
CA ASN A 1120 3.80 -7.02 19.39
C ASN A 1120 3.00 -6.17 20.33
N TYR A 1121 2.20 -6.80 21.18
CA TYR A 1121 1.29 -6.18 22.14
C TYR A 1121 1.65 -6.37 23.62
N ARG A 1122 2.87 -6.78 23.90
CA ARG A 1122 3.28 -7.08 25.27
C ARG A 1122 3.20 -5.91 26.22
N GLN A 1123 3.35 -4.71 25.69
CA GLN A 1123 3.26 -3.50 26.45
C GLN A 1123 2.27 -2.55 25.80
N PRO A 1124 1.62 -1.71 26.60
CA PRO A 1124 0.68 -0.73 26.05
C PRO A 1124 1.42 0.27 25.16
N GLU A 1125 0.71 0.78 24.19
CA GLU A 1125 1.26 1.70 23.21
C GLU A 1125 1.39 3.11 23.71
N ARG A 1126 2.44 3.79 23.31
CA ARG A 1126 2.59 5.15 23.68
C ARG A 1126 1.68 5.97 22.73
N PRO A 1127 0.80 6.77 23.28
CA PRO A 1127 -0.09 7.54 22.41
C PRO A 1127 0.59 8.72 21.71
N VAL A 1128 0.13 9.04 20.51
CA VAL A 1128 0.64 10.11 19.73
C VAL A 1128 -0.49 11.05 19.33
N ARG A 1129 -0.25 12.34 19.41
CA ARG A 1129 -1.24 13.34 19.02
C ARG A 1129 -0.97 13.62 17.55
N GLY A 1130 -1.76 13.05 16.67
CA GLY A 1130 -1.56 13.23 15.25
C GLY A 1130 -0.71 12.11 14.68
N SER A 1131 -0.05 12.39 13.58
CA SER A 1131 0.78 11.43 12.88
C SER A 1131 2.27 11.60 13.23
N ILE A 1132 3.03 10.54 13.11
CA ILE A 1132 4.46 10.65 13.31
C ILE A 1132 5.14 11.27 12.09
N ALA A 1133 4.40 11.36 10.99
CA ALA A 1133 4.94 11.91 9.76
C ALA A 1133 4.27 13.21 9.37
N PRO A 1134 5.07 14.07 8.73
CA PRO A 1134 4.51 15.32 8.21
C PRO A 1134 3.62 15.01 7.00
N THR A 1135 2.56 15.78 6.82
CA THR A 1135 1.60 15.58 5.74
C THR A 1135 1.24 16.87 4.99
N ASP A 1136 2.05 17.89 5.11
CA ASP A 1136 1.71 19.18 4.53
C ASP A 1136 1.42 19.13 3.01
N ARG A 1137 2.24 18.47 2.24
CA ARG A 1137 2.01 18.43 0.82
C ARG A 1137 0.77 17.62 0.45
N PHE A 1138 0.64 16.45 1.06
CA PHE A 1138 -0.52 15.62 0.77
C PHE A 1138 -1.84 16.32 1.18
N ARG A 1139 -1.87 16.87 2.37
CA ARG A 1139 -3.10 17.51 2.80
C ARG A 1139 -3.49 18.69 1.91
N ALA A 1140 -2.50 19.52 1.58
CA ALA A 1140 -2.80 20.66 0.71
C ALA A 1140 -3.32 20.21 -0.67
N ALA A 1141 -2.72 19.15 -1.21
CA ALA A 1141 -3.13 18.63 -2.51
C ALA A 1141 -4.52 18.04 -2.49
N VAL A 1142 -4.84 17.32 -1.43
CA VAL A 1142 -6.14 16.76 -1.26
C VAL A 1142 -7.22 17.85 -1.15
N GLN A 1143 -6.93 18.87 -0.38
CA GLN A 1143 -7.85 20.00 -0.21
C GLN A 1143 -8.04 20.76 -1.54
N GLU A 1144 -6.96 20.98 -2.25
CA GLU A 1144 -7.02 21.69 -3.54
C GLU A 1144 -7.85 20.93 -4.57
N ALA A 1145 -7.71 19.62 -4.61
CA ALA A 1145 -8.44 18.78 -5.52
C ALA A 1145 -9.83 18.42 -5.02
N LYS A 1146 -10.16 18.83 -3.81
CA LYS A 1146 -11.45 18.58 -3.21
C LYS A 1146 -11.83 17.12 -3.22
N ILE A 1147 -10.89 16.29 -2.82
CA ILE A 1147 -11.08 14.84 -2.88
C ILE A 1147 -11.96 14.28 -1.79
N GLY A 1148 -12.95 13.55 -2.20
CA GLY A 1148 -13.81 12.88 -1.29
C GLY A 1148 -14.82 13.73 -0.64
N PRO A 1149 -15.66 13.08 0.15
CA PRO A 1149 -16.75 13.79 0.82
C PRO A 1149 -16.29 14.88 1.75
N ASP A 1150 -15.14 14.72 2.38
CA ASP A 1150 -14.65 15.76 3.27
C ASP A 1150 -13.88 16.89 2.55
N LYS A 1151 -13.51 16.66 1.30
CA LYS A 1151 -12.71 17.63 0.51
C LYS A 1151 -11.43 17.90 1.28
N ASP A 1152 -10.97 16.85 1.93
CA ASP A 1152 -9.83 16.88 2.83
C ASP A 1152 -9.53 15.41 3.23
N ILE A 1153 -8.44 15.22 3.94
CA ILE A 1153 -8.13 13.91 4.46
C ILE A 1153 -9.24 13.60 5.49
N PRO A 1154 -9.85 12.41 5.38
CA PRO A 1154 -10.92 12.03 6.31
C PRO A 1154 -10.39 11.57 7.66
N HIS A 1155 -11.30 11.60 8.64
CA HIS A 1155 -11.05 11.00 9.94
C HIS A 1155 -11.60 9.58 9.83
N VAL A 1156 -11.22 8.72 10.77
CA VAL A 1156 -11.79 7.40 10.86
C VAL A 1156 -13.04 7.55 11.72
N GLY A 1157 -14.13 6.97 11.26
CA GLY A 1157 -15.40 6.98 11.97
C GLY A 1157 -15.95 5.58 12.26
N ALA A 1158 -17.02 5.53 13.03
CA ALA A 1158 -17.63 4.28 13.44
C ALA A 1158 -18.00 3.34 12.26
N PRO A 1159 -18.47 3.89 11.15
CA PRO A 1159 -18.83 3.01 10.02
C PRO A 1159 -17.64 2.18 9.53
N ILE A 1160 -16.45 2.72 9.59
CA ILE A 1160 -15.27 1.98 9.15
C ILE A 1160 -15.05 0.77 10.05
N ILE A 1161 -15.11 1.01 11.36
CA ILE A 1161 -14.91 -0.05 12.32
C ILE A 1161 -16.01 -1.13 12.25
N VAL A 1162 -17.24 -0.69 12.15
CA VAL A 1162 -18.37 -1.59 12.09
C VAL A 1162 -18.31 -2.44 10.81
N LYS A 1163 -17.77 -1.89 9.74
CA LYS A 1163 -17.63 -2.59 8.45
C LYS A 1163 -16.77 -3.83 8.64
N TYR A 1164 -15.80 -3.77 9.53
CA TYR A 1164 -14.95 -4.95 9.79
C TYR A 1164 -15.81 -6.10 10.29
N VAL A 1165 -16.68 -5.81 11.24
CA VAL A 1165 -17.53 -6.84 11.77
C VAL A 1165 -18.51 -7.41 10.74
N SER A 1166 -19.17 -6.56 9.99
CA SER A 1166 -20.10 -7.06 9.00
C SER A 1166 -19.38 -7.88 7.92
N ASP A 1167 -18.23 -7.41 7.48
CA ASP A 1167 -17.46 -8.16 6.50
C ASP A 1167 -16.94 -9.49 7.06
N LEU A 1168 -16.50 -9.49 8.30
CA LEU A 1168 -16.01 -10.73 8.90
C LEU A 1168 -17.14 -11.76 8.95
N ARG A 1169 -18.34 -11.30 9.22
CA ARG A 1169 -19.50 -12.20 9.21
C ARG A 1169 -19.78 -12.72 7.82
N LEU A 1170 -19.74 -11.87 6.83
CA LEU A 1170 -19.98 -12.28 5.46
C LEU A 1170 -18.94 -13.30 5.00
N LEU A 1171 -17.70 -13.14 5.42
CA LEU A 1171 -16.60 -14.00 5.06
C LEU A 1171 -16.55 -15.27 5.86
N GLY A 1172 -17.40 -15.44 6.83
CA GLY A 1172 -17.41 -16.63 7.63
C GLY A 1172 -16.46 -16.69 8.80
N LEU A 1173 -15.80 -15.59 9.10
CA LEU A 1173 -14.86 -15.55 10.20
C LEU A 1173 -15.43 -15.20 11.55
N LEU A 1174 -16.63 -14.68 11.58
CA LEU A 1174 -17.30 -14.33 12.81
C LEU A 1174 -18.69 -14.90 12.68
PA NAP B . -1.30 -6.38 -1.03
O1A NAP B . -2.76 -6.51 -0.69
O2A NAP B . -0.28 -7.02 -0.18
O5B NAP B . -1.12 -6.85 -2.54
C5B NAP B . 0.18 -7.00 -3.14
C4B NAP B . -0.08 -7.11 -4.64
O4B NAP B . 1.21 -7.16 -5.31
C3B NAP B . -0.83 -8.34 -5.05
O3B NAP B . -1.62 -8.01 -6.20
C2B NAP B . 0.32 -9.26 -5.46
O2B NAP B . -0.03 -10.30 -6.34
C1B NAP B . 1.23 -8.26 -6.18
N9A NAP B . 2.59 -8.73 -6.36
C8A NAP B . 3.43 -9.18 -5.38
N7A NAP B . 4.59 -9.60 -5.92
C5A NAP B . 4.46 -9.47 -7.28
C6A NAP B . 5.28 -9.78 -8.41
N6A NAP B . 6.48 -10.34 -8.26
N1A NAP B . 4.80 -9.46 -9.64
C2A NAP B . 3.58 -8.93 -9.81
N3A NAP B . 2.73 -8.64 -8.81
C4A NAP B . 3.16 -8.91 -7.58
O3 NAP B . -0.93 -4.78 -1.13
PN NAP B . -1.91 -3.55 -1.56
O1N NAP B . -2.78 -3.24 -0.41
O2N NAP B . -2.56 -3.84 -2.85
O5D NAP B . -0.80 -2.42 -1.82
C5D NAP B . -0.25 -1.67 -0.75
C4D NAP B . 0.91 -0.86 -1.35
O4D NAP B . 1.21 0.22 -0.41
C3D NAP B . 2.21 -1.63 -1.48
O3D NAP B . 3.07 -1.19 -2.56
C2D NAP B . 2.94 -1.27 -0.20
O2D NAP B . 4.34 -1.57 -0.30
C1D NAP B . 2.61 0.19 -0.08
N1N NAP B . 2.78 0.78 1.18
P2B NAP B . -0.61 -11.73 -5.79
O1X NAP B . 0.12 -12.03 -4.51
O2X NAP B . -2.10 -11.52 -5.58
O3X NAP B . -0.28 -12.66 -6.92
#